data_1X7B
#
_entry.id   1X7B
#
_cell.length_a   52.181
_cell.length_b   87.981
_cell.length_c   99.918
_cell.angle_alpha   90.00
_cell.angle_beta   90.00
_cell.angle_gamma   90.00
#
_symmetry.space_group_name_H-M   'P 21 21 21'
#
loop_
_entity.id
_entity.type
_entity.pdbx_description
1 polymer 'Estrogen receptor beta'
2 polymer 'STEROID RECEPTOR COACTIVATOR-1'
3 non-polymer 2-(3-FLUORO-4-HYDROXYPHENYL)-7-VINYL-1,3-BENZOXAZOL-5-OL
4 water water
#
loop_
_entity_poly.entity_id
_entity_poly.type
_entity_poly.pdbx_seq_one_letter_code
_entity_poly.pdbx_strand_id
1 'polypeptide(L)'
;DALSPEQLVLTLLEAEPPHVLISRPSAPFTEASMMMSLTKLADKELVHMISWAKKIPGFVELSLFDQVRLLESCWMEVLM
MGLMWRSIDHPGKLIFAPDLVLDRDEGKCVEGILEIFDMLLATTSRFRELKLQHKEYLCVKAMILLNSSMYPLVTATQDA
DSSRKLAHLLNAVTDALVWVIAKSGISSQQQSMRLANLLMLLSHVRHASNKGMEHLLNMKCKNVVPVYDLLLEMLNAHVL
;
A,B
2 'polypeptide(L)' SGSHKLVQLLTTT C,D
#
loop_
_chem_comp.id
_chem_comp.type
_chem_comp.name
_chem_comp.formula
041 non-polymer 2-(3-FLUORO-4-HYDROXYPHENYL)-7-VINYL-1,3-BENZOXAZOL-5-OL 'C15 H10 F N O3'
#
# COMPACT_ATOMS: atom_id res chain seq x y z
N LEU A 3 17.94 -2.28 -23.74
CA LEU A 3 18.34 -2.93 -22.46
C LEU A 3 17.36 -4.06 -22.12
N SER A 4 17.81 -5.31 -22.25
CA SER A 4 16.95 -6.47 -21.96
C SER A 4 16.67 -6.59 -20.47
N PRO A 5 15.65 -7.39 -20.09
CA PRO A 5 15.28 -7.59 -18.69
C PRO A 5 16.45 -8.05 -17.84
N GLU A 6 17.22 -9.02 -18.37
CA GLU A 6 18.36 -9.56 -17.65
C GLU A 6 19.44 -8.52 -17.38
N GLN A 7 19.63 -7.60 -18.32
CA GLN A 7 20.63 -6.55 -18.20
C GLN A 7 20.18 -5.45 -17.24
N LEU A 8 18.88 -5.22 -17.18
CA LEU A 8 18.35 -4.22 -16.25
C LEU A 8 18.46 -4.80 -14.85
N VAL A 9 18.13 -6.07 -14.71
CA VAL A 9 18.21 -6.71 -13.41
C VAL A 9 19.64 -6.72 -12.89
N LEU A 10 20.61 -6.92 -13.78
CA LEU A 10 22.00 -6.93 -13.36
C LEU A 10 22.41 -5.54 -12.89
N THR A 11 21.96 -4.49 -13.58
CA THR A 11 22.32 -3.16 -13.14
C THR A 11 21.78 -2.89 -11.73
N LEU A 12 20.64 -3.49 -11.38
CA LEU A 12 20.08 -3.31 -10.03
C LEU A 12 20.99 -4.05 -9.04
N LEU A 13 21.45 -5.23 -9.43
CA LEU A 13 22.35 -6.01 -8.59
C LEU A 13 23.56 -5.13 -8.29
N GLU A 14 24.03 -4.42 -9.31
CA GLU A 14 25.18 -3.52 -9.19
C GLU A 14 24.91 -2.26 -8.38
N ALA A 15 23.64 -1.85 -8.33
CA ALA A 15 23.26 -0.67 -7.58
C ALA A 15 23.08 -1.01 -6.10
N GLU A 16 23.00 -2.30 -5.80
CA GLU A 16 22.82 -2.77 -4.43
C GLU A 16 23.77 -2.06 -3.46
N PRO A 17 23.22 -1.47 -2.39
CA PRO A 17 24.03 -0.76 -1.40
C PRO A 17 24.88 -1.75 -0.61
N PRO A 18 25.98 -1.30 -0.03
CA PRO A 18 26.83 -2.20 0.74
C PRO A 18 26.25 -2.53 2.11
N HIS A 19 26.73 -3.61 2.70
CA HIS A 19 26.27 -4.03 4.01
C HIS A 19 26.62 -2.93 5.01
N VAL A 20 25.68 -2.62 5.90
CA VAL A 20 25.87 -1.58 6.89
C VAL A 20 25.88 -2.14 8.32
N LEU A 21 26.78 -1.63 9.13
CA LEU A 21 26.89 -2.03 10.53
C LEU A 21 26.90 -0.75 11.35
N ILE A 22 26.36 -0.80 12.56
CA ILE A 22 26.33 0.40 13.39
C ILE A 22 27.54 0.51 14.33
N SER A 23 28.43 -0.47 14.26
CA SER A 23 29.63 -0.47 15.10
C SER A 23 29.24 -0.41 16.57
N ARG A 24 28.53 -1.45 17.01
CA ARG A 24 28.06 -1.54 18.39
C ARG A 24 28.41 -2.88 19.00
N PRO A 25 29.10 -2.88 20.15
CA PRO A 25 29.46 -4.15 20.79
C PRO A 25 28.19 -4.81 21.31
N SER A 26 28.05 -6.11 21.05
CA SER A 26 26.87 -6.85 21.48
C SER A 26 26.55 -6.55 22.95
N ALA A 27 25.27 -6.31 23.22
CA ALA A 27 24.81 -6.00 24.57
C ALA A 27 23.28 -5.91 24.62
N PRO A 28 22.71 -6.03 25.83
CA PRO A 28 21.26 -5.96 26.03
C PRO A 28 20.71 -4.61 25.60
N PHE A 29 19.52 -4.64 25.01
CA PHE A 29 18.88 -3.43 24.52
C PHE A 29 17.92 -2.80 25.52
N THR A 30 18.00 -1.48 25.63
CA THR A 30 17.14 -0.70 26.49
C THR A 30 16.37 0.16 25.48
N GLU A 31 15.36 0.89 25.90
CA GLU A 31 14.62 1.70 24.95
C GLU A 31 15.50 2.78 24.29
N ALA A 32 16.47 3.29 25.04
CA ALA A 32 17.36 4.32 24.52
C ALA A 32 18.34 3.76 23.51
N SER A 33 18.99 2.66 23.88
CA SER A 33 19.95 2.03 22.99
C SER A 33 19.30 1.51 21.70
N MET A 34 18.06 1.02 21.81
CA MET A 34 17.40 0.51 20.62
C MET A 34 17.06 1.61 19.63
N MET A 35 16.29 2.60 20.08
CA MET A 35 15.91 3.71 19.21
C MET A 35 17.11 4.48 18.68
N MET A 36 18.16 4.53 19.47
CA MET A 36 19.37 5.23 19.05
C MET A 36 20.01 4.41 17.93
N SER A 37 19.95 3.08 18.03
CA SER A 37 20.52 2.20 17.01
C SER A 37 19.71 2.20 15.70
N LEU A 38 18.39 2.14 15.81
CA LEU A 38 17.54 2.14 14.65
C LEU A 38 17.72 3.45 13.85
N THR A 39 17.69 4.58 14.54
CA THR A 39 17.85 5.87 13.89
C THR A 39 19.25 6.04 13.31
N LYS A 40 20.27 5.60 14.03
CA LYS A 40 21.63 5.71 13.53
C LYS A 40 21.80 4.85 12.27
N LEU A 41 21.20 3.66 12.26
CA LEU A 41 21.27 2.76 11.09
C LEU A 41 20.46 3.32 9.92
N ALA A 42 19.27 3.86 10.21
CA ALA A 42 18.44 4.42 9.14
C ALA A 42 19.18 5.56 8.45
N ASP A 43 19.84 6.41 9.25
CA ASP A 43 20.58 7.52 8.68
C ASP A 43 21.69 7.04 7.73
N LYS A 44 22.47 6.06 8.17
CA LYS A 44 23.52 5.52 7.31
C LYS A 44 22.95 4.90 6.04
N GLU A 45 21.89 4.11 6.17
CA GLU A 45 21.29 3.45 5.01
C GLU A 45 20.69 4.43 4.01
N LEU A 46 20.23 5.57 4.51
CA LEU A 46 19.65 6.58 3.65
C LEU A 46 20.69 7.13 2.70
N VAL A 47 21.91 7.33 3.21
CA VAL A 47 22.98 7.82 2.36
C VAL A 47 23.26 6.81 1.24
N HIS A 48 23.30 5.53 1.59
CA HIS A 48 23.54 4.48 0.61
C HIS A 48 22.35 4.32 -0.34
N MET A 49 21.14 4.59 0.16
CA MET A 49 19.94 4.48 -0.65
C MET A 49 19.93 5.51 -1.78
N ILE A 50 20.48 6.69 -1.49
CA ILE A 50 20.53 7.74 -2.50
C ILE A 50 21.45 7.34 -3.66
N SER A 51 22.62 6.79 -3.34
CA SER A 51 23.56 6.33 -4.36
C SER A 51 22.90 5.21 -5.16
N TRP A 52 22.17 4.34 -4.46
CA TRP A 52 21.46 3.22 -5.08
C TRP A 52 20.50 3.71 -6.18
N ALA A 53 19.60 4.63 -5.82
CA ALA A 53 18.62 5.17 -6.75
C ALA A 53 19.25 5.79 -7.98
N LYS A 54 20.35 6.52 -7.78
CA LYS A 54 21.06 7.15 -8.90
C LYS A 54 21.60 6.11 -9.89
N LYS A 55 21.86 4.91 -9.40
CA LYS A 55 22.39 3.84 -10.25
C LYS A 55 21.28 3.11 -11.02
N ILE A 56 20.04 3.50 -10.79
CA ILE A 56 18.93 2.89 -11.52
C ILE A 56 18.88 3.61 -12.85
N PRO A 57 19.00 2.85 -13.96
CA PRO A 57 18.96 3.46 -15.28
C PRO A 57 17.79 4.41 -15.42
N GLY A 58 18.09 5.64 -15.85
CA GLY A 58 17.07 6.64 -16.04
C GLY A 58 16.68 7.48 -14.84
N PHE A 59 16.93 7.00 -13.63
CA PHE A 59 16.53 7.77 -12.44
C PHE A 59 17.07 9.21 -12.43
N VAL A 60 18.36 9.38 -12.69
CA VAL A 60 18.96 10.72 -12.69
C VAL A 60 18.46 11.55 -13.85
N GLU A 61 17.87 10.89 -14.84
CA GLU A 61 17.34 11.57 -16.00
C GLU A 61 16.05 12.29 -15.60
N LEU A 62 15.42 11.80 -14.54
CA LEU A 62 14.18 12.41 -14.03
C LEU A 62 14.43 13.84 -13.57
N SER A 63 13.37 14.64 -13.48
CA SER A 63 13.52 16.02 -13.02
C SER A 63 13.94 15.87 -11.56
N LEU A 64 14.79 16.79 -11.10
CA LEU A 64 15.28 16.76 -9.72
C LEU A 64 14.09 16.74 -8.73
N PHE A 65 12.97 17.32 -9.15
CA PHE A 65 11.77 17.38 -8.31
C PHE A 65 11.21 15.98 -8.08
N ASP A 66 11.14 15.18 -9.15
CA ASP A 66 10.62 13.84 -9.02
C ASP A 66 11.56 12.95 -8.23
N GLN A 67 12.86 13.10 -8.48
CA GLN A 67 13.85 12.30 -7.76
C GLN A 67 13.66 12.49 -6.25
N VAL A 68 13.54 13.74 -5.83
CA VAL A 68 13.35 14.10 -4.44
C VAL A 68 12.04 13.58 -3.87
N ARG A 69 10.92 13.86 -4.53
CA ARG A 69 9.63 13.39 -4.02
C ARG A 69 9.49 11.87 -4.03
N LEU A 70 10.14 11.19 -4.98
CA LEU A 70 10.04 9.73 -4.98
C LEU A 70 10.76 9.17 -3.76
N LEU A 71 11.99 9.61 -3.54
CA LEU A 71 12.75 9.13 -2.38
C LEU A 71 12.16 9.57 -1.04
N GLU A 72 11.65 10.80 -0.94
CA GLU A 72 11.07 11.27 0.31
C GLU A 72 9.85 10.46 0.74
N SER A 73 9.09 9.93 -0.22
CA SER A 73 7.90 9.18 0.15
C SER A 73 8.08 7.68 0.41
N CYS A 74 9.05 7.07 -0.26
CA CYS A 74 9.25 5.63 -0.11
C CYS A 74 10.39 5.16 0.79
N TRP A 75 11.33 6.05 1.14
CA TRP A 75 12.50 5.62 1.91
C TRP A 75 12.28 4.55 2.97
N MET A 76 11.38 4.79 3.93
CA MET A 76 11.15 3.79 4.98
C MET A 76 10.71 2.45 4.40
N GLU A 77 9.87 2.49 3.38
CA GLU A 77 9.40 1.27 2.73
C GLU A 77 10.59 0.50 2.14
N VAL A 78 11.51 1.23 1.49
CA VAL A 78 12.69 0.61 0.92
C VAL A 78 13.59 0.03 2.03
N LEU A 79 13.71 0.75 3.15
CA LEU A 79 14.51 0.25 4.27
C LEU A 79 13.93 -1.05 4.81
N MET A 80 12.60 -1.09 4.93
CA MET A 80 11.92 -2.27 5.44
C MET A 80 11.94 -3.44 4.47
N MET A 81 11.95 -3.15 3.17
CA MET A 81 12.00 -4.22 2.18
C MET A 81 13.39 -4.85 2.33
N GLY A 82 14.38 -3.98 2.48
CA GLY A 82 15.74 -4.46 2.67
C GLY A 82 15.78 -5.32 3.92
N LEU A 83 15.14 -4.84 4.99
CA LEU A 83 15.11 -5.56 6.25
C LEU A 83 14.54 -6.97 6.08
N MET A 84 13.48 -7.10 5.30
CA MET A 84 12.87 -8.41 5.12
C MET A 84 13.73 -9.37 4.30
N TRP A 85 14.42 -8.87 3.28
CA TRP A 85 15.28 -9.76 2.50
C TRP A 85 16.43 -10.27 3.37
N ARG A 86 16.94 -9.42 4.26
CA ARG A 86 18.03 -9.82 5.15
C ARG A 86 17.56 -10.81 6.22
N SER A 87 16.27 -10.75 6.55
CA SER A 87 15.70 -11.61 7.58
C SER A 87 15.08 -12.90 7.03
N ILE A 88 15.03 -13.02 5.71
CA ILE A 88 14.42 -14.19 5.07
C ILE A 88 14.90 -15.54 5.64
N ASP A 89 16.21 -15.72 5.79
CA ASP A 89 16.73 -16.98 6.32
C ASP A 89 16.91 -17.04 7.82
N HIS A 90 16.22 -16.18 8.55
CA HIS A 90 16.35 -16.18 10.00
C HIS A 90 14.99 -15.99 10.67
N PRO A 91 14.15 -17.02 10.65
CA PRO A 91 12.82 -16.90 11.26
C PRO A 91 12.87 -16.44 12.71
N GLY A 92 11.87 -15.66 13.11
CA GLY A 92 11.82 -15.14 14.46
C GLY A 92 12.74 -13.97 14.72
N LYS A 93 13.58 -13.62 13.75
CA LYS A 93 14.51 -12.52 13.93
C LYS A 93 14.40 -11.42 12.89
N LEU A 94 14.78 -10.21 13.28
CA LEU A 94 14.76 -9.07 12.37
C LEU A 94 16.21 -8.61 12.26
N ILE A 95 16.80 -8.89 11.11
CA ILE A 95 18.18 -8.54 10.86
C ILE A 95 18.31 -7.11 10.32
N PHE A 96 18.21 -6.12 11.20
CA PHE A 96 18.36 -4.74 10.75
C PHE A 96 19.80 -4.59 10.28
N ALA A 97 20.72 -5.20 11.01
CA ALA A 97 22.13 -5.17 10.68
C ALA A 97 22.85 -6.28 11.41
N PRO A 98 24.02 -6.69 10.90
CA PRO A 98 24.80 -7.74 11.54
C PRO A 98 24.91 -7.54 13.06
N ASP A 99 25.16 -6.29 13.48
CA ASP A 99 25.26 -5.98 14.90
C ASP A 99 24.00 -5.35 15.50
N LEU A 100 22.86 -5.60 14.85
CA LEU A 100 21.56 -5.09 15.32
C LEU A 100 20.47 -6.11 14.98
N VAL A 101 20.58 -7.29 15.59
CA VAL A 101 19.62 -8.38 15.38
C VAL A 101 18.67 -8.39 16.56
N LEU A 102 17.39 -8.15 16.28
CA LEU A 102 16.39 -8.09 17.33
C LEU A 102 15.36 -9.22 17.34
N ASP A 103 14.92 -9.53 18.56
CA ASP A 103 13.95 -10.58 18.83
C ASP A 103 12.58 -9.90 19.02
N ARG A 104 11.50 -10.66 18.90
CA ARG A 104 10.17 -10.09 19.07
C ARG A 104 9.97 -9.53 20.48
N ASP A 105 10.49 -10.24 21.48
CA ASP A 105 10.34 -9.80 22.86
C ASP A 105 11.18 -8.58 23.20
N GLU A 106 12.18 -8.27 22.37
CA GLU A 106 13.02 -7.11 22.60
C GLU A 106 12.30 -5.85 22.16
N GLY A 107 11.27 -6.03 21.34
CA GLY A 107 10.50 -4.90 20.87
C GLY A 107 9.48 -4.49 21.92
N LYS A 108 9.51 -5.17 23.06
CA LYS A 108 8.57 -4.86 24.13
C LYS A 108 9.11 -3.78 25.07
N CYS A 109 10.38 -3.44 24.93
CA CYS A 109 10.96 -2.41 25.79
C CYS A 109 10.70 -1.02 25.22
N VAL A 110 10.10 -0.95 24.03
CA VAL A 110 9.78 0.33 23.42
C VAL A 110 8.29 0.32 23.13
N GLU A 111 7.57 1.26 23.74
CA GLU A 111 6.14 1.33 23.55
C GLU A 111 5.75 1.54 22.09
N GLY A 112 4.88 0.67 21.60
CA GLY A 112 4.39 0.78 20.24
C GLY A 112 5.17 0.10 19.14
N ILE A 113 6.38 -0.37 19.44
CA ILE A 113 7.16 -1.02 18.40
C ILE A 113 6.87 -2.51 18.21
N LEU A 114 6.44 -3.17 19.28
CA LEU A 114 6.14 -4.60 19.21
C LEU A 114 5.09 -4.87 18.13
N GLU A 115 4.15 -3.94 18.03
CA GLU A 115 3.08 -4.02 17.07
C GLU A 115 3.69 -4.09 15.68
N ILE A 116 4.70 -3.24 15.45
CA ILE A 116 5.39 -3.15 14.16
C ILE A 116 6.34 -4.31 13.88
N PHE A 117 7.05 -4.79 14.88
CA PHE A 117 7.95 -5.92 14.68
C PHE A 117 7.12 -7.12 14.24
N ASP A 118 5.95 -7.29 14.85
CA ASP A 118 5.08 -8.40 14.52
C ASP A 118 4.67 -8.32 13.04
N MET A 119 4.41 -7.11 12.57
CA MET A 119 4.04 -6.93 11.16
C MET A 119 5.20 -7.30 10.25
N LEU A 120 6.37 -6.80 10.58
CA LEU A 120 7.57 -7.06 9.79
C LEU A 120 7.89 -8.55 9.79
N LEU A 121 7.74 -9.18 10.95
CA LEU A 121 8.02 -10.60 11.07
C LEU A 121 7.03 -11.42 10.26
N ALA A 122 5.78 -10.95 10.24
CA ALA A 122 4.74 -11.65 9.49
C ALA A 122 5.03 -11.57 7.99
N THR A 123 5.16 -10.34 7.48
CA THR A 123 5.43 -10.16 6.07
C THR A 123 6.69 -10.94 5.67
N THR A 124 7.73 -10.88 6.50
CA THR A 124 8.96 -11.59 6.21
C THR A 124 8.66 -13.09 6.13
N SER A 125 7.85 -13.55 7.06
CA SER A 125 7.47 -14.96 7.09
C SER A 125 6.75 -15.32 5.79
N ARG A 126 5.99 -14.36 5.26
CA ARG A 126 5.27 -14.60 4.02
C ARG A 126 6.20 -14.69 2.79
N PHE A 127 7.18 -13.81 2.71
CA PHE A 127 8.14 -13.84 1.60
C PHE A 127 8.92 -15.14 1.67
N ARG A 128 9.16 -15.62 2.88
CA ARG A 128 9.90 -16.87 3.10
C ARG A 128 9.10 -18.05 2.55
N GLU A 129 7.79 -18.03 2.80
CA GLU A 129 6.90 -19.08 2.31
C GLU A 129 6.89 -19.13 0.78
N LEU A 130 6.99 -17.96 0.16
CA LEU A 130 7.01 -17.84 -1.30
C LEU A 130 8.43 -18.06 -1.79
N LYS A 131 9.36 -18.20 -0.87
CA LYS A 131 10.76 -18.39 -1.20
C LYS A 131 11.23 -17.31 -2.17
N LEU A 132 11.07 -16.06 -1.74
CA LEU A 132 11.48 -14.90 -2.53
C LEU A 132 12.91 -15.08 -3.03
N GLN A 133 13.14 -14.77 -4.30
CA GLN A 133 14.48 -14.90 -4.87
C GLN A 133 15.16 -13.56 -4.84
N HIS A 134 16.48 -13.56 -4.79
CA HIS A 134 17.22 -12.31 -4.75
C HIS A 134 16.84 -11.37 -5.89
N LYS A 135 16.80 -11.90 -7.11
CA LYS A 135 16.45 -11.08 -8.26
C LYS A 135 15.05 -10.51 -8.17
N GLU A 136 14.14 -11.24 -7.53
CA GLU A 136 12.77 -10.73 -7.38
C GLU A 136 12.85 -9.58 -6.39
N TYR A 137 13.65 -9.75 -5.35
CA TYR A 137 13.83 -8.74 -4.33
C TYR A 137 14.30 -7.45 -4.99
N LEU A 138 15.31 -7.57 -5.85
CA LEU A 138 15.85 -6.41 -6.55
C LEU A 138 14.82 -5.62 -7.34
N CYS A 139 13.98 -6.32 -8.10
CA CYS A 139 12.96 -5.64 -8.91
C CYS A 139 11.89 -5.00 -8.02
N VAL A 140 11.41 -5.78 -7.06
CA VAL A 140 10.38 -5.32 -6.14
C VAL A 140 10.83 -4.04 -5.39
N LYS A 141 12.06 -4.04 -4.89
CA LYS A 141 12.58 -2.88 -4.18
C LYS A 141 12.60 -1.66 -5.09
N ALA A 142 13.01 -1.85 -6.34
CA ALA A 142 13.07 -0.75 -7.30
C ALA A 142 11.69 -0.26 -7.66
N MET A 143 10.73 -1.19 -7.71
CA MET A 143 9.36 -0.83 -8.04
C MET A 143 8.79 0.03 -6.91
N ILE A 144 9.14 -0.31 -5.67
CA ILE A 144 8.67 0.44 -4.52
C ILE A 144 9.04 1.92 -4.72
N LEU A 145 10.29 2.17 -5.11
CA LEU A 145 10.73 3.53 -5.35
C LEU A 145 9.99 4.19 -6.52
N LEU A 146 9.95 3.51 -7.66
CA LEU A 146 9.31 4.09 -8.84
C LEU A 146 7.80 4.17 -8.82
N ASN A 147 7.16 3.44 -7.92
CA ASN A 147 5.69 3.44 -7.85
C ASN A 147 5.10 4.24 -6.68
N SER A 148 5.92 5.05 -6.01
CA SER A 148 5.42 5.83 -4.88
C SER A 148 5.01 7.25 -5.30
N SER A 149 4.81 7.45 -6.60
CA SER A 149 4.45 8.75 -7.17
C SER A 149 3.04 9.26 -6.81
N MET A 150 2.78 9.43 -5.52
CA MET A 150 1.48 9.91 -5.09
C MET A 150 1.31 11.41 -5.35
N ASP A 161 6.73 15.28 -19.52
CA ASP A 161 8.12 15.18 -19.96
C ASP A 161 8.91 14.24 -19.06
N SER A 162 8.93 14.53 -17.76
CA SER A 162 9.63 13.69 -16.80
C SER A 162 8.68 12.61 -16.31
N SER A 163 7.39 12.89 -16.47
CA SER A 163 6.33 11.97 -16.06
C SER A 163 6.34 10.67 -16.87
N ARG A 164 6.51 10.79 -18.19
CA ARG A 164 6.54 9.63 -19.06
C ARG A 164 7.79 8.79 -18.78
N LYS A 165 8.90 9.46 -18.50
CA LYS A 165 10.15 8.78 -18.20
C LYS A 165 9.93 7.84 -17.01
N LEU A 166 9.33 8.38 -15.96
CA LEU A 166 9.05 7.60 -14.76
C LEU A 166 8.22 6.37 -15.12
N ALA A 167 7.14 6.59 -15.86
CA ALA A 167 6.27 5.49 -16.29
C ALA A 167 7.04 4.46 -17.11
N HIS A 168 7.90 4.94 -18.00
CA HIS A 168 8.70 4.05 -18.85
C HIS A 168 9.66 3.22 -18.00
N LEU A 169 10.31 3.90 -17.05
CA LEU A 169 11.26 3.26 -16.15
C LEU A 169 10.52 2.23 -15.30
N LEU A 170 9.42 2.64 -14.70
CA LEU A 170 8.62 1.74 -13.87
C LEU A 170 8.15 0.54 -14.70
N ASN A 171 7.77 0.81 -15.94
CA ASN A 171 7.31 -0.28 -16.80
C ASN A 171 8.45 -1.26 -17.07
N ALA A 172 9.64 -0.73 -17.31
CA ALA A 172 10.82 -1.55 -17.56
C ALA A 172 11.11 -2.46 -16.37
N VAL A 173 11.02 -1.92 -15.16
CA VAL A 173 11.29 -2.73 -13.97
C VAL A 173 10.21 -3.80 -13.78
N THR A 174 8.99 -3.50 -14.20
CA THR A 174 7.91 -4.48 -14.07
C THR A 174 8.23 -5.62 -15.04
N ASP A 175 8.59 -5.22 -16.26
CA ASP A 175 8.97 -6.12 -17.31
C ASP A 175 10.09 -7.05 -16.82
N ALA A 176 11.00 -6.50 -16.02
CA ALA A 176 12.11 -7.30 -15.50
C ALA A 176 11.63 -8.31 -14.47
N LEU A 177 10.71 -7.92 -13.60
CA LEU A 177 10.20 -8.85 -12.60
C LEU A 177 9.47 -10.03 -13.28
N VAL A 178 8.74 -9.75 -14.35
CA VAL A 178 8.02 -10.78 -15.09
C VAL A 178 9.07 -11.76 -15.64
N TRP A 179 10.13 -11.21 -16.22
CA TRP A 179 11.20 -12.02 -16.76
C TRP A 179 11.77 -12.95 -15.69
N VAL A 180 12.15 -12.40 -14.55
CA VAL A 180 12.70 -13.22 -13.47
C VAL A 180 11.77 -14.41 -13.15
N ILE A 181 10.48 -14.12 -13.03
CA ILE A 181 9.49 -15.13 -12.72
C ILE A 181 9.42 -16.18 -13.82
N ALA A 182 9.54 -15.73 -15.07
CA ALA A 182 9.48 -16.62 -16.23
C ALA A 182 10.68 -17.57 -16.27
N LYS A 183 11.81 -17.13 -15.74
CA LYS A 183 13.03 -17.95 -15.72
C LYS A 183 12.92 -19.07 -14.69
N SER A 184 12.01 -18.94 -13.73
CA SER A 184 11.86 -19.97 -12.71
C SER A 184 11.37 -21.27 -13.33
N GLY A 185 10.72 -21.17 -14.49
CA GLY A 185 10.24 -22.36 -15.17
C GLY A 185 8.97 -23.02 -14.63
N ILE A 186 8.17 -22.29 -13.86
CA ILE A 186 6.94 -22.88 -13.34
C ILE A 186 5.85 -22.59 -14.38
N SER A 187 4.72 -23.28 -14.27
CA SER A 187 3.63 -23.09 -15.22
C SER A 187 3.25 -21.62 -15.35
N SER A 188 2.63 -21.28 -16.47
CA SER A 188 2.21 -19.91 -16.73
C SER A 188 1.20 -19.41 -15.69
N GLN A 189 0.31 -20.30 -15.26
CA GLN A 189 -0.70 -19.94 -14.27
C GLN A 189 0.00 -19.68 -12.93
N GLN A 190 0.96 -20.51 -12.59
CA GLN A 190 1.69 -20.32 -11.34
C GLN A 190 2.61 -19.10 -11.41
N GLN A 191 2.90 -18.65 -12.63
CA GLN A 191 3.75 -17.49 -12.82
C GLN A 191 2.91 -16.23 -12.61
N SER A 192 1.63 -16.33 -12.97
CA SER A 192 0.69 -15.21 -12.81
C SER A 192 0.32 -15.09 -11.33
N MET A 193 0.12 -16.23 -10.68
CA MET A 193 -0.23 -16.24 -9.26
C MET A 193 0.96 -15.75 -8.41
N ARG A 194 2.18 -16.10 -8.81
CA ARG A 194 3.36 -15.67 -8.05
C ARG A 194 3.56 -14.16 -8.17
N LEU A 195 3.42 -13.63 -9.39
CA LEU A 195 3.57 -12.20 -9.63
C LEU A 195 2.53 -11.45 -8.79
N ALA A 196 1.29 -11.93 -8.81
CA ALA A 196 0.21 -11.29 -8.04
C ALA A 196 0.51 -11.35 -6.55
N ASN A 197 1.01 -12.48 -6.06
CA ASN A 197 1.30 -12.63 -4.65
C ASN A 197 2.42 -11.74 -4.15
N LEU A 198 3.48 -11.60 -4.95
CA LEU A 198 4.59 -10.76 -4.59
C LEU A 198 4.12 -9.31 -4.56
N LEU A 199 3.35 -8.91 -5.58
CA LEU A 199 2.88 -7.54 -5.62
C LEU A 199 1.92 -7.22 -4.49
N MET A 200 1.10 -8.17 -4.09
CA MET A 200 0.16 -7.94 -3.01
C MET A 200 0.83 -7.80 -1.64
N LEU A 201 2.02 -8.38 -1.50
CA LEU A 201 2.71 -8.30 -0.22
C LEU A 201 3.24 -6.90 0.01
N LEU A 202 3.52 -6.18 -1.08
CA LEU A 202 4.03 -4.83 -0.93
C LEU A 202 3.06 -4.00 -0.10
N SER A 203 1.76 -4.19 -0.32
CA SER A 203 0.75 -3.46 0.45
C SER A 203 1.06 -3.61 1.94
N HIS A 204 1.56 -4.78 2.34
CA HIS A 204 1.90 -5.06 3.73
C HIS A 204 3.20 -4.40 4.18
N VAL A 205 4.17 -4.28 3.25
CA VAL A 205 5.45 -3.63 3.55
C VAL A 205 5.14 -2.15 3.75
N ARG A 206 4.29 -1.63 2.87
CA ARG A 206 3.86 -0.23 2.89
C ARG A 206 3.11 0.09 4.19
N HIS A 207 2.31 -0.86 4.66
CA HIS A 207 1.56 -0.64 5.89
C HIS A 207 2.51 -0.56 7.09
N ALA A 208 3.46 -1.48 7.15
CA ALA A 208 4.42 -1.52 8.24
C ALA A 208 5.35 -0.31 8.21
N SER A 209 5.50 0.31 7.04
CA SER A 209 6.36 1.48 6.92
C SER A 209 5.60 2.72 7.36
N ASN A 210 4.30 2.73 7.08
CA ASN A 210 3.45 3.84 7.49
C ASN A 210 3.46 3.90 9.03
N LYS A 211 3.35 2.73 9.65
CA LYS A 211 3.35 2.65 11.10
C LYS A 211 4.73 3.00 11.65
N GLY A 212 5.77 2.57 10.95
CA GLY A 212 7.12 2.87 11.38
C GLY A 212 7.39 4.37 11.34
N MET A 213 6.83 5.07 10.35
CA MET A 213 7.03 6.51 10.24
C MET A 213 6.29 7.24 11.37
N GLU A 214 5.04 6.86 11.60
CA GLU A 214 4.21 7.43 12.65
C GLU A 214 4.98 7.31 13.96
N HIS A 215 5.43 6.11 14.27
CA HIS A 215 6.17 5.83 15.49
C HIS A 215 7.46 6.66 15.57
N LEU A 216 8.20 6.73 14.47
CA LEU A 216 9.44 7.48 14.44
C LEU A 216 9.20 8.98 14.64
N LEU A 217 8.20 9.53 13.95
CA LEU A 217 7.88 10.94 14.09
C LEU A 217 7.55 11.23 15.55
N ASN A 218 6.72 10.37 16.14
CA ASN A 218 6.36 10.53 17.54
C ASN A 218 7.63 10.63 18.39
N MET A 219 8.59 9.76 18.12
CA MET A 219 9.84 9.73 18.87
C MET A 219 10.67 11.00 18.68
N LYS A 220 10.68 11.54 17.46
CA LYS A 220 11.45 12.75 17.19
C LYS A 220 10.84 13.94 17.91
N CYS A 221 9.52 14.08 17.80
CA CYS A 221 8.81 15.18 18.44
C CYS A 221 9.10 15.24 19.95
N LYS A 222 9.50 14.12 20.53
CA LYS A 222 9.82 14.08 21.96
C LYS A 222 11.33 14.23 22.19
N ASN A 223 12.07 14.43 21.11
CA ASN A 223 13.53 14.58 21.16
C ASN A 223 14.16 13.44 21.94
N VAL A 224 13.46 12.30 21.93
CA VAL A 224 13.88 11.09 22.61
C VAL A 224 14.99 10.41 21.82
N VAL A 225 15.12 10.79 20.56
CA VAL A 225 16.15 10.22 19.72
C VAL A 225 16.89 11.29 18.96
N PRO A 226 18.23 11.20 18.94
CA PRO A 226 19.01 12.20 18.22
C PRO A 226 18.75 11.94 16.73
N VAL A 227 17.88 12.75 16.13
CA VAL A 227 17.53 12.59 14.73
C VAL A 227 18.53 13.28 13.80
N TYR A 228 19.51 12.50 13.35
CA TYR A 228 20.57 12.95 12.44
C TYR A 228 19.97 13.73 11.27
N ASP A 229 20.76 14.64 10.72
CA ASP A 229 20.31 15.50 9.63
C ASP A 229 19.59 14.85 8.43
N LEU A 230 20.23 13.93 7.73
CA LEU A 230 19.57 13.31 6.59
C LEU A 230 18.25 12.65 7.01
N LEU A 231 18.29 11.89 8.10
CA LEU A 231 17.08 11.23 8.59
C LEU A 231 16.00 12.25 9.06
N LEU A 232 16.44 13.33 9.67
CA LEU A 232 15.51 14.36 10.14
C LEU A 232 14.81 14.98 8.95
N GLU A 233 15.60 15.25 7.91
CA GLU A 233 15.07 15.83 6.69
C GLU A 233 14.10 14.88 5.99
N MET A 234 14.52 13.64 5.79
CA MET A 234 13.67 12.63 5.15
C MET A 234 12.36 12.50 5.93
N LEU A 235 12.47 12.51 7.26
CA LEU A 235 11.30 12.40 8.12
C LEU A 235 10.43 13.65 8.02
N ASN A 236 11.04 14.82 8.18
CA ASN A 236 10.33 16.10 8.11
C ASN A 236 9.69 16.35 6.75
N ALA A 237 10.30 15.83 5.69
CA ALA A 237 9.77 16.04 4.36
C ALA A 237 8.56 15.15 4.09
N HIS A 238 8.59 13.93 4.64
CA HIS A 238 7.50 12.97 4.45
C HIS A 238 6.18 13.43 5.06
N VAL A 239 6.14 13.60 6.39
CA VAL A 239 4.93 14.06 7.06
C VAL A 239 4.37 15.32 6.37
N LEU A 240 5.27 16.22 5.93
CA LEU A 240 4.85 17.44 5.26
C LEU A 240 4.28 17.15 3.87
N LEU B 3 -15.53 -24.18 -7.37
CA LEU B 3 -15.96 -22.90 -8.01
C LEU B 3 -14.95 -22.45 -9.07
N SER B 4 -15.40 -22.28 -10.30
CA SER B 4 -14.52 -21.84 -11.37
C SER B 4 -14.31 -20.33 -11.32
N PRO B 5 -13.26 -19.83 -11.98
CA PRO B 5 -13.01 -18.38 -11.96
C PRO B 5 -14.22 -17.59 -12.44
N GLU B 6 -14.89 -18.10 -13.47
CA GLU B 6 -16.07 -17.42 -14.02
C GLU B 6 -17.22 -17.39 -13.01
N GLN B 7 -17.46 -18.51 -12.33
CA GLN B 7 -18.53 -18.53 -11.34
C GLN B 7 -18.25 -17.55 -10.21
N LEU B 8 -16.97 -17.37 -9.91
CA LEU B 8 -16.57 -16.45 -8.85
C LEU B 8 -16.88 -15.01 -9.30
N VAL B 9 -16.56 -14.70 -10.55
CA VAL B 9 -16.81 -13.37 -11.08
C VAL B 9 -18.30 -13.09 -11.15
N LEU B 10 -19.08 -14.08 -11.57
CA LEU B 10 -20.53 -13.93 -11.66
C LEU B 10 -21.06 -13.71 -10.24
N THR B 11 -20.51 -14.44 -9.27
CA THR B 11 -20.92 -14.30 -7.88
C THR B 11 -20.64 -12.88 -7.35
N LEU B 12 -19.47 -12.33 -7.68
CA LEU B 12 -19.12 -10.99 -7.21
C LEU B 12 -19.93 -9.95 -7.95
N LEU B 13 -20.22 -10.22 -9.22
CA LEU B 13 -21.01 -9.30 -10.03
C LEU B 13 -22.38 -9.11 -9.36
N GLU B 14 -23.02 -10.22 -9.01
CA GLU B 14 -24.32 -10.18 -8.34
C GLU B 14 -24.17 -9.58 -6.95
N ALA B 15 -23.06 -9.88 -6.30
CA ALA B 15 -22.79 -9.37 -4.95
C ALA B 15 -22.55 -7.86 -4.89
N GLU B 16 -22.38 -7.22 -6.04
CA GLU B 16 -22.14 -5.78 -6.06
C GLU B 16 -23.22 -5.09 -5.22
N PRO B 17 -22.81 -4.14 -4.36
CA PRO B 17 -23.84 -3.47 -3.58
C PRO B 17 -24.56 -2.45 -4.46
N PRO B 18 -25.84 -2.16 -4.17
CA PRO B 18 -26.60 -1.18 -4.95
C PRO B 18 -26.07 0.21 -4.58
N HIS B 19 -26.07 1.14 -5.53
CA HIS B 19 -25.57 2.47 -5.19
C HIS B 19 -26.43 3.17 -4.14
N VAL B 20 -25.74 3.76 -3.15
CA VAL B 20 -26.42 4.48 -2.07
C VAL B 20 -26.86 5.83 -2.56
N LEU B 21 -28.12 6.18 -2.28
CA LEU B 21 -28.64 7.47 -2.70
C LEU B 21 -28.55 8.48 -1.57
N ILE B 22 -27.89 9.59 -1.86
CA ILE B 22 -27.70 10.67 -0.91
C ILE B 22 -27.74 11.95 -1.74
N SER B 23 -28.51 12.93 -1.29
CA SER B 23 -28.62 14.17 -2.04
C SER B 23 -27.62 15.23 -1.64
N ARG B 24 -27.28 16.07 -2.61
CA ARG B 24 -26.35 17.17 -2.42
C ARG B 24 -27.10 18.30 -1.71
N PRO B 25 -26.51 18.87 -0.65
CA PRO B 25 -27.20 19.97 0.03
C PRO B 25 -27.59 21.05 -0.97
N SER B 26 -28.75 21.67 -0.74
CA SER B 26 -29.25 22.72 -1.62
C SER B 26 -28.23 23.85 -1.78
N ALA B 27 -27.81 24.42 -0.65
CA ALA B 27 -26.85 25.51 -0.64
C ALA B 27 -25.44 25.00 -0.96
N PRO B 28 -24.57 25.90 -1.45
CA PRO B 28 -23.20 25.48 -1.78
C PRO B 28 -22.55 24.92 -0.51
N PHE B 29 -21.78 23.85 -0.68
CA PHE B 29 -21.11 23.20 0.45
C PHE B 29 -20.34 24.12 1.38
N THR B 30 -20.39 23.79 2.66
CA THR B 30 -19.63 24.50 3.68
C THR B 30 -18.78 23.35 4.20
N GLU B 31 -17.71 23.67 4.92
CA GLU B 31 -16.84 22.63 5.45
C GLU B 31 -17.66 21.55 6.15
N ALA B 32 -18.66 21.99 6.93
CA ALA B 32 -19.51 21.08 7.68
C ALA B 32 -20.51 20.28 6.84
N SER B 33 -21.21 20.95 5.92
CA SER B 33 -22.18 20.23 5.11
C SER B 33 -21.50 19.17 4.24
N MET B 34 -20.27 19.45 3.80
CA MET B 34 -19.55 18.47 2.99
C MET B 34 -19.17 17.26 3.82
N MET B 35 -18.56 17.50 4.97
CA MET B 35 -18.16 16.41 5.84
C MET B 35 -19.36 15.61 6.30
N MET B 36 -20.50 16.29 6.38
CA MET B 36 -21.72 15.64 6.81
C MET B 36 -22.18 14.71 5.68
N SER B 37 -22.10 15.20 4.46
CA SER B 37 -22.47 14.41 3.28
C SER B 37 -21.60 13.16 3.16
N LEU B 38 -20.30 13.33 3.37
CA LEU B 38 -19.36 12.22 3.26
C LEU B 38 -19.51 11.19 4.36
N THR B 39 -19.62 11.66 5.60
CA THR B 39 -19.75 10.73 6.71
C THR B 39 -21.06 9.97 6.59
N LYS B 40 -22.13 10.66 6.19
CA LYS B 40 -23.42 10.00 6.04
C LYS B 40 -23.39 8.96 4.92
N LEU B 41 -22.79 9.31 3.79
CA LEU B 41 -22.69 8.36 2.68
C LEU B 41 -21.90 7.11 3.09
N ALA B 42 -20.74 7.34 3.73
CA ALA B 42 -19.88 6.25 4.19
C ALA B 42 -20.61 5.33 5.15
N ASP B 43 -21.38 5.91 6.07
CA ASP B 43 -22.10 5.11 7.03
C ASP B 43 -23.08 4.16 6.35
N LYS B 44 -23.79 4.67 5.34
CA LYS B 44 -24.73 3.85 4.57
C LYS B 44 -23.99 2.80 3.72
N GLU B 45 -22.89 3.20 3.11
CA GLU B 45 -22.14 2.26 2.27
C GLU B 45 -21.52 1.17 3.13
N LEU B 46 -21.09 1.54 4.34
CA LEU B 46 -20.49 0.57 5.24
C LEU B 46 -21.45 -0.59 5.53
N VAL B 47 -22.73 -0.27 5.71
CA VAL B 47 -23.72 -1.31 5.98
C VAL B 47 -23.82 -2.24 4.77
N HIS B 48 -23.79 -1.69 3.56
CA HIS B 48 -23.89 -2.51 2.34
C HIS B 48 -22.59 -3.29 2.14
N MET B 49 -21.47 -2.68 2.51
CA MET B 49 -20.18 -3.34 2.39
C MET B 49 -20.16 -4.64 3.18
N ILE B 50 -20.78 -4.64 4.37
CA ILE B 50 -20.81 -5.85 5.20
C ILE B 50 -21.57 -6.97 4.49
N SER B 51 -22.67 -6.64 3.85
CA SER B 51 -23.45 -7.64 3.11
C SER B 51 -22.64 -8.15 1.93
N TRP B 52 -21.98 -7.23 1.23
CA TRP B 52 -21.15 -7.59 0.07
C TRP B 52 -20.05 -8.58 0.45
N ALA B 53 -19.37 -8.32 1.57
CA ALA B 53 -18.30 -9.18 2.05
C ALA B 53 -18.75 -10.63 2.31
N LYS B 54 -19.92 -10.78 2.93
CA LYS B 54 -20.46 -12.09 3.25
C LYS B 54 -20.83 -12.89 2.00
N LYS B 55 -20.87 -12.23 0.85
CA LYS B 55 -21.18 -12.91 -0.42
C LYS B 55 -19.91 -13.31 -1.16
N ILE B 56 -18.75 -12.84 -0.68
CA ILE B 56 -17.50 -13.22 -1.31
C ILE B 56 -17.31 -14.67 -0.88
N PRO B 57 -17.34 -15.60 -1.84
CA PRO B 57 -17.18 -17.02 -1.54
C PRO B 57 -16.12 -17.33 -0.49
N GLY B 58 -16.55 -18.00 0.58
CA GLY B 58 -15.64 -18.38 1.62
C GLY B 58 -15.42 -17.37 2.72
N PHE B 59 -15.80 -16.11 2.52
CA PHE B 59 -15.59 -15.09 3.54
C PHE B 59 -16.22 -15.45 4.88
N VAL B 60 -17.47 -15.90 4.82
CA VAL B 60 -18.18 -16.25 6.05
C VAL B 60 -17.60 -17.51 6.69
N GLU B 61 -16.72 -18.20 5.98
CA GLU B 61 -16.13 -19.41 6.53
C GLU B 61 -14.89 -19.10 7.37
N LEU B 62 -14.40 -17.85 7.29
CA LEU B 62 -13.25 -17.43 8.09
C LEU B 62 -13.79 -17.19 9.51
N SER B 63 -12.90 -17.06 10.48
CA SER B 63 -13.32 -16.82 11.87
C SER B 63 -13.87 -15.40 11.99
N LEU B 64 -14.85 -15.21 12.88
CA LEU B 64 -15.43 -13.88 13.05
C LEU B 64 -14.36 -12.82 13.24
N PHE B 65 -13.28 -13.19 13.92
CA PHE B 65 -12.17 -12.26 14.16
C PHE B 65 -11.40 -11.89 12.91
N ASP B 66 -11.25 -12.82 11.98
CA ASP B 66 -10.56 -12.50 10.74
C ASP B 66 -11.46 -11.56 9.94
N GLN B 67 -12.75 -11.89 9.91
CA GLN B 67 -13.73 -11.09 9.20
C GLN B 67 -13.68 -9.65 9.69
N VAL B 68 -13.74 -9.48 11.01
CA VAL B 68 -13.70 -8.14 11.57
C VAL B 68 -12.38 -7.43 11.30
N ARG B 69 -11.27 -8.14 11.51
CA ARG B 69 -9.96 -7.53 11.27
C ARG B 69 -9.84 -7.10 9.80
N LEU B 70 -10.28 -7.96 8.88
CA LEU B 70 -10.21 -7.64 7.46
C LEU B 70 -11.00 -6.38 7.12
N LEU B 71 -12.24 -6.34 7.55
CA LEU B 71 -13.08 -5.18 7.27
C LEU B 71 -12.61 -3.88 7.92
N GLU B 72 -12.21 -3.92 9.19
CA GLU B 72 -11.75 -2.69 9.88
C GLU B 72 -10.51 -2.15 9.16
N SER B 73 -9.69 -3.06 8.70
CA SER B 73 -8.45 -2.72 8.06
C SER B 73 -8.52 -2.12 6.65
N CYS B 74 -9.57 -2.42 5.89
CA CYS B 74 -9.64 -1.92 4.52
C CYS B 74 -10.86 -1.11 4.10
N TRP B 75 -11.89 -1.08 4.92
CA TRP B 75 -13.12 -0.39 4.54
C TRP B 75 -12.99 0.90 3.75
N MET B 76 -12.10 1.81 4.14
CA MET B 76 -12.00 3.06 3.39
C MET B 76 -11.40 2.86 2.00
N GLU B 77 -10.47 1.92 1.90
CA GLU B 77 -9.85 1.64 0.61
C GLU B 77 -10.90 1.02 -0.32
N VAL B 78 -11.81 0.23 0.26
CA VAL B 78 -12.88 -0.38 -0.52
C VAL B 78 -13.81 0.73 -0.96
N LEU B 79 -14.14 1.64 -0.06
CA LEU B 79 -15.03 2.75 -0.41
C LEU B 79 -14.45 3.56 -1.57
N MET B 80 -13.17 3.88 -1.51
CA MET B 80 -12.54 4.70 -2.55
C MET B 80 -12.34 3.99 -3.89
N MET B 81 -12.14 2.68 -3.85
CA MET B 81 -11.97 1.90 -5.08
C MET B 81 -13.31 2.05 -5.81
N GLY B 82 -14.40 1.86 -5.05
CA GLY B 82 -15.73 1.99 -5.61
C GLY B 82 -15.96 3.39 -6.15
N LEU B 83 -15.48 4.40 -5.41
CA LEU B 83 -15.62 5.79 -5.83
C LEU B 83 -14.88 6.04 -7.15
N MET B 84 -13.69 5.46 -7.27
CA MET B 84 -12.88 5.64 -8.47
C MET B 84 -13.55 4.96 -9.68
N TRP B 85 -14.10 3.78 -9.47
CA TRP B 85 -14.79 3.08 -10.54
C TRP B 85 -15.96 3.94 -11.02
N ARG B 86 -16.74 4.48 -10.08
CA ARG B 86 -17.90 5.31 -10.39
C ARG B 86 -17.52 6.60 -11.14
N SER B 87 -16.29 7.05 -10.95
CA SER B 87 -15.80 8.29 -11.56
C SER B 87 -14.94 8.05 -12.79
N ILE B 88 -14.75 6.78 -13.14
CA ILE B 88 -13.91 6.40 -14.27
C ILE B 88 -14.16 7.23 -15.54
N ASP B 89 -15.43 7.40 -15.91
CA ASP B 89 -15.81 8.15 -17.11
C ASP B 89 -16.14 9.63 -16.87
N HIS B 90 -15.60 10.23 -15.80
CA HIS B 90 -15.87 11.64 -15.52
C HIS B 90 -14.65 12.38 -15.06
N PRO B 91 -13.68 12.59 -15.97
CA PRO B 91 -12.44 13.30 -15.63
C PRO B 91 -12.67 14.62 -14.89
N GLY B 92 -11.89 14.84 -13.84
CA GLY B 92 -12.03 16.04 -13.04
C GLY B 92 -13.21 16.00 -12.10
N LYS B 93 -14.01 14.93 -12.20
CA LYS B 93 -15.21 14.75 -11.39
C LYS B 93 -15.15 13.52 -10.46
N LEU B 94 -15.71 13.65 -9.26
CA LEU B 94 -15.74 12.57 -8.28
C LEU B 94 -17.19 12.22 -7.95
N ILE B 95 -17.63 11.05 -8.40
CA ILE B 95 -19.00 10.61 -8.18
C ILE B 95 -19.17 9.81 -6.89
N PHE B 96 -19.27 10.51 -5.76
CA PHE B 96 -19.46 9.85 -4.48
C PHE B 96 -20.78 9.10 -4.49
N ALA B 97 -21.73 9.60 -5.29
CA ALA B 97 -23.04 9.00 -5.44
C ALA B 97 -23.75 9.69 -6.62
N PRO B 98 -24.83 9.08 -7.14
CA PRO B 98 -25.58 9.63 -8.26
C PRO B 98 -25.87 11.13 -8.20
N ASP B 99 -26.32 11.62 -7.06
CA ASP B 99 -26.59 13.05 -6.94
C ASP B 99 -25.64 13.73 -5.95
N LEU B 100 -24.41 13.23 -5.92
CA LEU B 100 -23.37 13.78 -5.05
C LEU B 100 -22.11 13.79 -5.88
N VAL B 101 -22.13 14.61 -6.93
CA VAL B 101 -21.02 14.76 -7.84
C VAL B 101 -20.18 15.97 -7.41
N LEU B 102 -19.01 15.71 -6.85
CA LEU B 102 -18.16 16.80 -6.40
C LEU B 102 -17.09 17.16 -7.42
N ASP B 103 -16.94 18.46 -7.64
CA ASP B 103 -15.93 18.93 -8.57
C ASP B 103 -14.64 19.03 -7.75
N ARG B 104 -13.50 18.87 -8.41
CA ARG B 104 -12.21 18.92 -7.72
C ARG B 104 -12.06 20.21 -6.91
N ASP B 105 -12.73 21.27 -7.37
CA ASP B 105 -12.67 22.57 -6.72
C ASP B 105 -13.37 22.65 -5.37
N GLU B 106 -14.59 22.11 -5.31
CA GLU B 106 -15.39 22.12 -4.07
C GLU B 106 -14.63 21.60 -2.87
N GLY B 107 -13.53 20.89 -3.12
CA GLY B 107 -12.75 20.37 -2.01
C GLY B 107 -12.04 21.49 -1.27
N LYS B 108 -12.29 22.73 -1.67
CA LYS B 108 -11.66 23.88 -1.03
C LYS B 108 -12.28 24.26 0.32
N CYS B 109 -13.56 24.02 0.48
CA CYS B 109 -14.24 24.36 1.73
C CYS B 109 -13.91 23.45 2.89
N VAL B 110 -13.11 22.41 2.63
CA VAL B 110 -12.72 21.49 3.69
C VAL B 110 -11.21 21.45 3.82
N GLU B 111 -10.70 22.10 4.86
CA GLU B 111 -9.26 22.17 5.12
C GLU B 111 -8.53 20.84 4.95
N GLY B 112 -7.69 20.74 3.93
CA GLY B 112 -6.92 19.53 3.72
C GLY B 112 -7.58 18.36 3.02
N ILE B 113 -8.70 18.58 2.35
CA ILE B 113 -9.36 17.48 1.65
C ILE B 113 -9.02 17.55 0.16
N LEU B 114 -8.81 18.76 -0.34
CA LEU B 114 -8.49 18.97 -1.74
C LEU B 114 -7.34 18.10 -2.20
N GLU B 115 -6.30 18.04 -1.39
CA GLU B 115 -5.14 17.23 -1.72
C GLU B 115 -5.58 15.78 -1.94
N ILE B 116 -6.47 15.30 -1.08
CA ILE B 116 -6.96 13.93 -1.19
C ILE B 116 -7.83 13.76 -2.44
N PHE B 117 -8.59 14.80 -2.79
CA PHE B 117 -9.42 14.74 -3.99
C PHE B 117 -8.52 14.64 -5.21
N ASP B 118 -7.35 15.28 -5.14
CA ASP B 118 -6.40 15.26 -6.25
C ASP B 118 -5.79 13.88 -6.50
N MET B 119 -5.35 13.21 -5.43
CA MET B 119 -4.78 11.88 -5.61
C MET B 119 -5.87 10.89 -6.01
N LEU B 120 -7.10 11.13 -5.58
CA LEU B 120 -8.21 10.27 -5.93
C LEU B 120 -8.49 10.37 -7.42
N LEU B 121 -8.46 11.59 -7.93
CA LEU B 121 -8.70 11.86 -9.34
C LEU B 121 -7.53 11.37 -10.20
N ALA B 122 -6.32 11.44 -9.65
CA ALA B 122 -5.13 11.01 -10.38
C ALA B 122 -5.19 9.51 -10.59
N THR B 123 -5.41 8.78 -9.50
CA THR B 123 -5.50 7.33 -9.57
C THR B 123 -6.62 6.94 -10.52
N THR B 124 -7.75 7.63 -10.42
CA THR B 124 -8.89 7.37 -11.29
C THR B 124 -8.46 7.46 -12.75
N SER B 125 -7.64 8.47 -13.07
CA SER B 125 -7.14 8.66 -14.43
C SER B 125 -6.22 7.52 -14.81
N ARG B 126 -5.40 7.06 -13.88
CA ARG B 126 -4.52 5.94 -14.20
C ARG B 126 -5.41 4.75 -14.60
N PHE B 127 -6.51 4.58 -13.89
CA PHE B 127 -7.41 3.48 -14.19
C PHE B 127 -8.10 3.67 -15.54
N ARG B 128 -8.46 4.92 -15.85
CA ARG B 128 -9.09 5.22 -17.13
C ARG B 128 -8.09 4.89 -18.24
N GLU B 129 -6.85 5.33 -18.04
CA GLU B 129 -5.74 5.13 -18.96
C GLU B 129 -5.51 3.65 -19.26
N LEU B 130 -5.68 2.80 -18.23
CA LEU B 130 -5.54 1.35 -18.38
C LEU B 130 -6.86 0.78 -18.88
N LYS B 131 -7.88 1.62 -18.92
CA LYS B 131 -9.20 1.19 -19.37
C LYS B 131 -9.64 -0.02 -18.55
N LEU B 132 -9.64 0.15 -17.23
CA LEU B 132 -10.06 -0.89 -16.31
C LEU B 132 -11.46 -1.38 -16.72
N GLN B 133 -11.67 -2.69 -16.67
CA GLN B 133 -12.95 -3.26 -17.03
C GLN B 133 -13.71 -3.66 -15.78
N HIS B 134 -15.03 -3.58 -15.88
CA HIS B 134 -15.92 -3.92 -14.79
C HIS B 134 -15.54 -5.23 -14.11
N LYS B 135 -15.36 -6.31 -14.87
CA LYS B 135 -14.98 -7.59 -14.27
C LYS B 135 -13.63 -7.54 -13.54
N GLU B 136 -12.71 -6.72 -14.02
CA GLU B 136 -11.39 -6.60 -13.40
C GLU B 136 -11.59 -5.87 -12.07
N TYR B 137 -12.35 -4.77 -12.14
CA TYR B 137 -12.69 -3.97 -10.99
C TYR B 137 -13.25 -4.81 -9.84
N LEU B 138 -14.22 -5.68 -10.13
CA LEU B 138 -14.82 -6.54 -9.12
C LEU B 138 -13.79 -7.43 -8.43
N CYS B 139 -12.84 -7.96 -9.21
CA CYS B 139 -11.82 -8.83 -8.64
C CYS B 139 -10.88 -8.08 -7.73
N VAL B 140 -10.38 -6.95 -8.23
CA VAL B 140 -9.46 -6.11 -7.50
C VAL B 140 -10.03 -5.64 -6.17
N LYS B 141 -11.28 -5.16 -6.19
CA LYS B 141 -11.92 -4.69 -4.96
C LYS B 141 -12.02 -5.80 -3.92
N ALA B 142 -12.30 -7.01 -4.37
CA ALA B 142 -12.39 -8.14 -3.45
C ALA B 142 -11.00 -8.50 -2.96
N MET B 143 -10.00 -8.29 -3.80
CA MET B 143 -8.64 -8.60 -3.44
C MET B 143 -8.18 -7.62 -2.37
N ILE B 144 -8.65 -6.37 -2.46
CA ILE B 144 -8.33 -5.35 -1.48
C ILE B 144 -8.77 -5.88 -0.11
N LEU B 145 -10.00 -6.37 -0.04
CA LEU B 145 -10.54 -6.91 1.21
C LEU B 145 -9.77 -8.14 1.74
N LEU B 146 -9.56 -9.14 0.89
CA LEU B 146 -8.90 -10.37 1.30
C LEU B 146 -7.40 -10.24 1.54
N ASN B 147 -6.78 -9.16 1.07
CA ASN B 147 -5.34 -8.97 1.24
C ASN B 147 -4.97 -7.97 2.33
N SER B 148 -5.97 -7.47 3.07
CA SER B 148 -5.65 -6.53 4.12
C SER B 148 -5.42 -7.31 5.42
N SER B 149 -4.61 -8.36 5.32
CA SER B 149 -4.27 -9.20 6.47
C SER B 149 -3.48 -8.37 7.48
N MET B 150 -3.71 -7.06 7.42
CA MET B 150 -3.07 -6.09 8.30
C MET B 150 -3.77 -6.18 9.66
N ASP B 161 -7.11 -23.43 11.28
CA ASP B 161 -6.27 -22.86 10.22
C ASP B 161 -7.08 -21.89 9.35
N SER B 162 -7.57 -20.82 9.95
CA SER B 162 -8.35 -19.83 9.22
C SER B 162 -7.42 -18.95 8.37
N SER B 163 -6.16 -18.86 8.80
CA SER B 163 -5.17 -18.07 8.07
C SER B 163 -4.88 -18.78 6.74
N ARG B 164 -4.85 -20.10 6.81
CA ARG B 164 -4.61 -20.94 5.64
C ARG B 164 -5.75 -20.85 4.63
N LYS B 165 -6.97 -20.61 5.14
CA LYS B 165 -8.15 -20.49 4.29
C LYS B 165 -8.22 -19.11 3.64
N LEU B 166 -7.71 -18.10 4.34
CA LEU B 166 -7.70 -16.74 3.82
C LEU B 166 -6.83 -16.68 2.57
N ALA B 167 -5.68 -17.35 2.62
CA ALA B 167 -4.75 -17.40 1.50
C ALA B 167 -5.43 -18.04 0.29
N HIS B 168 -6.06 -19.19 0.52
CA HIS B 168 -6.74 -19.92 -0.53
C HIS B 168 -7.83 -19.07 -1.17
N LEU B 169 -8.54 -18.30 -0.34
CA LEU B 169 -9.59 -17.43 -0.84
C LEU B 169 -8.99 -16.34 -1.72
N LEU B 170 -7.86 -15.80 -1.28
CA LEU B 170 -7.19 -14.75 -2.03
C LEU B 170 -6.70 -15.27 -3.38
N ASN B 171 -6.15 -16.48 -3.40
CA ASN B 171 -5.67 -17.06 -4.65
C ASN B 171 -6.82 -17.31 -5.61
N ALA B 172 -7.98 -17.67 -5.09
CA ALA B 172 -9.13 -17.92 -5.94
C ALA B 172 -9.55 -16.65 -6.66
N VAL B 173 -9.53 -15.52 -5.97
CA VAL B 173 -9.92 -14.27 -6.61
C VAL B 173 -8.83 -13.85 -7.58
N THR B 174 -7.58 -14.09 -7.22
CA THR B 174 -6.47 -13.76 -8.10
C THR B 174 -6.64 -14.59 -9.37
N ASP B 175 -6.91 -15.88 -9.19
CA ASP B 175 -7.14 -16.78 -10.32
C ASP B 175 -8.22 -16.22 -11.22
N ALA B 176 -9.27 -15.67 -10.63
CA ALA B 176 -10.36 -15.12 -11.43
C ALA B 176 -9.90 -13.88 -12.17
N LEU B 177 -9.09 -13.05 -11.51
CA LEU B 177 -8.59 -11.83 -12.16
C LEU B 177 -7.78 -12.22 -13.40
N VAL B 178 -6.92 -13.23 -13.24
CA VAL B 178 -6.08 -13.73 -14.34
C VAL B 178 -6.96 -14.24 -15.48
N TRP B 179 -8.02 -14.96 -15.14
CA TRP B 179 -8.97 -15.49 -16.12
C TRP B 179 -9.61 -14.36 -16.93
N VAL B 180 -10.10 -13.33 -16.22
CA VAL B 180 -10.72 -12.18 -16.87
C VAL B 180 -9.75 -11.48 -17.82
N ILE B 181 -8.53 -11.24 -17.35
CA ILE B 181 -7.53 -10.59 -18.18
C ILE B 181 -7.24 -11.44 -19.44
N ALA B 182 -7.24 -12.77 -19.30
CA ALA B 182 -7.01 -13.66 -20.45
C ALA B 182 -8.10 -13.46 -21.48
N LYS B 183 -9.33 -13.26 -21.01
CA LYS B 183 -10.47 -13.05 -21.89
C LYS B 183 -10.36 -11.80 -22.74
N SER B 184 -9.34 -10.99 -22.50
CA SER B 184 -9.17 -9.78 -23.30
C SER B 184 -8.46 -10.12 -24.60
N GLY B 185 -7.86 -11.31 -24.62
CA GLY B 185 -7.16 -11.78 -25.81
C GLY B 185 -5.79 -11.21 -26.13
N ILE B 186 -5.12 -10.59 -25.16
CA ILE B 186 -3.79 -10.04 -25.43
C ILE B 186 -2.74 -11.11 -25.20
N SER B 187 -1.53 -10.89 -25.71
CA SER B 187 -0.45 -11.85 -25.58
C SER B 187 -0.21 -12.19 -24.11
N SER B 188 0.28 -13.39 -23.85
CA SER B 188 0.56 -13.83 -22.50
C SER B 188 1.45 -12.83 -21.75
N GLN B 189 2.42 -12.25 -22.45
CA GLN B 189 3.31 -11.26 -21.84
C GLN B 189 2.54 -10.03 -21.38
N GLN B 190 1.60 -9.59 -22.21
CA GLN B 190 0.77 -8.43 -21.90
C GLN B 190 -0.23 -8.73 -20.80
N GLN B 191 -0.60 -9.99 -20.68
CA GLN B 191 -1.53 -10.38 -19.63
C GLN B 191 -0.80 -10.18 -18.30
N SER B 192 0.45 -10.63 -18.27
CA SER B 192 1.27 -10.46 -17.07
C SER B 192 1.46 -8.98 -16.78
N MET B 193 1.74 -8.21 -17.82
CA MET B 193 1.99 -6.78 -17.67
C MET B 193 0.78 -6.01 -17.16
N ARG B 194 -0.41 -6.37 -17.62
CA ARG B 194 -1.63 -5.71 -17.19
C ARG B 194 -1.93 -6.09 -15.74
N LEU B 195 -1.67 -7.35 -15.39
CA LEU B 195 -1.89 -7.80 -14.03
C LEU B 195 -1.05 -6.96 -13.07
N ALA B 196 0.22 -6.79 -13.40
CA ALA B 196 1.14 -6.00 -12.58
C ALA B 196 0.67 -4.54 -12.47
N ASN B 197 0.32 -3.95 -13.61
CA ASN B 197 -0.11 -2.56 -13.62
C ASN B 197 -1.36 -2.31 -12.79
N LEU B 198 -2.28 -3.27 -12.79
CA LEU B 198 -3.49 -3.14 -12.03
C LEU B 198 -3.19 -3.20 -10.53
N LEU B 199 -2.42 -4.20 -10.12
CA LEU B 199 -2.11 -4.34 -8.71
C LEU B 199 -1.20 -3.25 -8.15
N MET B 200 -0.27 -2.77 -8.96
CA MET B 200 0.63 -1.71 -8.51
C MET B 200 -0.17 -0.47 -8.12
N LEU B 201 -1.42 -0.38 -8.59
CA LEU B 201 -2.24 0.78 -8.25
C LEU B 201 -2.91 0.66 -6.87
N LEU B 202 -2.90 -0.54 -6.29
CA LEU B 202 -3.50 -0.73 -4.98
C LEU B 202 -2.73 0.09 -3.95
N SER B 203 -1.45 0.32 -4.21
CA SER B 203 -0.63 1.13 -3.31
C SER B 203 -1.17 2.55 -3.29
N HIS B 204 -1.53 3.07 -4.46
CA HIS B 204 -2.05 4.43 -4.55
C HIS B 204 -3.44 4.56 -3.94
N VAL B 205 -4.29 3.56 -4.15
CA VAL B 205 -5.64 3.61 -3.57
C VAL B 205 -5.42 3.65 -2.06
N ARG B 206 -4.62 2.72 -1.57
CA ARG B 206 -4.28 2.64 -0.15
C ARG B 206 -3.79 3.98 0.38
N HIS B 207 -2.87 4.62 -0.34
CA HIS B 207 -2.35 5.91 0.12
C HIS B 207 -3.50 6.89 0.38
N ALA B 208 -4.34 7.09 -0.63
CA ALA B 208 -5.48 8.00 -0.51
C ALA B 208 -6.42 7.51 0.58
N SER B 209 -6.38 6.21 0.84
CA SER B 209 -7.22 5.60 1.87
C SER B 209 -6.72 6.00 3.27
N ASN B 210 -5.41 6.00 3.45
CA ASN B 210 -4.79 6.37 4.73
C ASN B 210 -4.93 7.87 4.96
N LYS B 211 -4.78 8.65 3.89
CA LYS B 211 -4.91 10.09 4.01
C LYS B 211 -6.37 10.42 4.35
N GLY B 212 -7.29 9.63 3.81
CA GLY B 212 -8.70 9.85 4.08
C GLY B 212 -9.11 9.53 5.51
N MET B 213 -8.61 8.42 6.05
CA MET B 213 -8.95 8.05 7.42
C MET B 213 -8.32 8.97 8.45
N GLU B 214 -7.06 9.35 8.22
CA GLU B 214 -6.37 10.24 9.12
C GLU B 214 -7.10 11.59 9.08
N HIS B 215 -7.50 12.02 7.89
CA HIS B 215 -8.22 13.29 7.74
C HIS B 215 -9.59 13.25 8.41
N LEU B 216 -10.23 12.09 8.46
CA LEU B 216 -11.54 11.95 9.08
C LEU B 216 -11.41 11.99 10.61
N LEU B 217 -10.37 11.35 11.14
CA LEU B 217 -10.14 11.34 12.58
C LEU B 217 -9.94 12.80 13.00
N ASN B 218 -9.16 13.52 12.21
CA ASN B 218 -8.85 14.92 12.48
C ASN B 218 -10.10 15.79 12.51
N MET B 219 -11.02 15.60 11.57
CA MET B 219 -12.25 16.39 11.53
C MET B 219 -13.14 16.01 12.71
N LYS B 220 -13.09 14.75 13.12
CA LYS B 220 -13.89 14.32 14.26
C LYS B 220 -13.37 14.99 15.53
N CYS B 221 -12.04 15.01 15.69
CA CYS B 221 -11.44 15.63 16.88
C CYS B 221 -11.67 17.13 16.87
N LYS B 222 -11.64 17.72 15.67
CA LYS B 222 -11.87 19.15 15.50
C LYS B 222 -13.36 19.45 15.68
N ASN B 223 -14.14 18.39 15.91
CA ASN B 223 -15.59 18.52 16.07
C ASN B 223 -16.22 19.23 14.89
N VAL B 224 -15.62 19.04 13.71
CA VAL B 224 -16.12 19.65 12.48
C VAL B 224 -17.36 18.91 12.01
N VAL B 225 -17.48 17.66 12.43
CA VAL B 225 -18.62 16.83 12.05
C VAL B 225 -18.74 15.69 13.05
N PRO B 226 -19.98 15.25 13.35
CA PRO B 226 -20.17 14.16 14.30
C PRO B 226 -19.87 12.81 13.64
N VAL B 227 -19.21 11.92 14.37
CA VAL B 227 -18.87 10.60 13.85
C VAL B 227 -19.18 9.54 14.91
N TYR B 228 -20.23 8.75 14.70
CA TYR B 228 -20.58 7.75 15.69
C TYR B 228 -20.96 6.39 15.11
N ASP B 229 -21.42 5.51 16.00
CA ASP B 229 -21.85 4.17 15.66
C ASP B 229 -20.91 3.39 14.73
N LEU B 230 -21.46 2.86 13.64
CA LEU B 230 -20.67 2.06 12.70
C LEU B 230 -19.41 2.79 12.23
N LEU B 231 -19.60 4.00 11.72
CA LEU B 231 -18.50 4.80 11.22
C LEU B 231 -17.36 4.99 12.23
N LEU B 232 -17.74 5.28 13.47
CA LEU B 232 -16.75 5.49 14.51
C LEU B 232 -16.00 4.20 14.84
N GLU B 233 -16.74 3.09 14.95
CA GLU B 233 -16.12 1.81 15.25
C GLU B 233 -15.08 1.46 14.20
N MET B 234 -15.41 1.73 12.94
CA MET B 234 -14.50 1.43 11.84
C MET B 234 -13.31 2.38 11.86
N LEU B 235 -13.57 3.64 12.21
CA LEU B 235 -12.51 4.62 12.26
C LEU B 235 -11.45 4.20 13.28
N ASN B 236 -11.89 3.80 14.46
CA ASN B 236 -10.96 3.38 15.52
C ASN B 236 -10.38 1.99 15.28
N ALA B 237 -11.17 1.10 14.68
CA ALA B 237 -10.76 -0.27 14.41
C ALA B 237 -10.55 -1.08 15.70
N HIS C 4 19.07 19.82 3.69
CA HIS C 4 19.03 19.59 2.22
C HIS C 4 20.17 18.68 1.79
N LYS C 5 20.37 17.64 2.59
CA LYS C 5 21.41 16.66 2.33
C LYS C 5 20.97 15.80 1.14
N LEU C 6 19.68 15.51 1.08
CA LEU C 6 19.12 14.72 -0.02
C LEU C 6 19.50 15.33 -1.38
N VAL C 7 19.18 16.61 -1.56
CA VAL C 7 19.50 17.26 -2.82
C VAL C 7 20.99 17.30 -3.13
N GLN C 8 21.84 17.55 -2.14
CA GLN C 8 23.27 17.58 -2.44
C GLN C 8 23.81 16.17 -2.73
N LEU C 9 23.22 15.15 -2.13
CA LEU C 9 23.68 13.80 -2.39
C LEU C 9 23.21 13.33 -3.76
N LEU C 10 22.09 13.89 -4.22
CA LEU C 10 21.53 13.57 -5.55
C LEU C 10 22.30 14.28 -6.67
N THR C 11 23.06 15.31 -6.32
CA THR C 11 23.81 16.07 -7.31
C THR C 11 25.33 15.92 -7.23
N THR C 12 25.80 14.99 -6.41
CA THR C 12 27.23 14.75 -6.25
C THR C 12 27.47 13.26 -6.12
N THR C 13 28.69 12.82 -6.44
CA THR C 13 29.04 11.41 -6.37
C THR C 13 30.17 11.11 -5.38
N HIS D 4 -21.75 -3.96 19.81
CA HIS D 4 -20.79 -3.76 18.68
C HIS D 4 -21.54 -3.85 17.36
N LYS D 5 -21.63 -2.73 16.66
CA LYS D 5 -22.34 -2.68 15.39
C LYS D 5 -21.75 -3.56 14.29
N LEU D 6 -20.43 -3.48 14.09
CA LEU D 6 -19.77 -4.27 13.06
C LEU D 6 -20.06 -5.77 13.25
N VAL D 7 -19.87 -6.23 14.48
CA VAL D 7 -20.11 -7.62 14.81
C VAL D 7 -21.57 -8.02 14.58
N GLN D 8 -22.49 -7.11 14.88
CA GLN D 8 -23.92 -7.34 14.71
C GLN D 8 -24.28 -7.57 13.26
N LEU D 9 -23.80 -6.68 12.39
CA LEU D 9 -24.06 -6.79 10.97
C LEU D 9 -23.46 -8.06 10.36
N LEU D 10 -22.31 -8.47 10.88
CA LEU D 10 -21.63 -9.67 10.39
C LEU D 10 -22.25 -10.99 10.82
N THR D 11 -22.92 -10.99 11.98
CA THR D 11 -23.50 -12.23 12.50
C THR D 11 -24.99 -12.19 12.78
N THR D 12 -25.50 -11.04 13.15
CA THR D 12 -26.92 -10.89 13.46
C THR D 12 -27.72 -10.44 12.23
N THR D 13 -27.02 -10.26 11.12
CA THR D 13 -27.68 -9.84 9.88
C THR D 13 -27.21 -10.68 8.70
C1 041 E . 10.17 2.51 14.69
C2 041 E . 10.57 1.50 13.75
C3 041 E . 11.75 1.72 12.98
C4 041 E . 12.55 2.91 13.13
C5 041 E . 12.14 3.90 14.06
C6 041 E . 10.95 3.70 14.85
O9 041 E . 12.34 0.95 12.04
C10 041 E . 13.45 1.58 11.60
N11 041 E . 13.62 2.78 12.23
C12 041 E . 14.36 0.98 10.58
C13 041 E . 15.73 1.39 10.47
C14 041 E . 16.59 0.79 9.50
C15 041 E . 16.07 -0.22 8.63
C16 041 E . 14.69 -0.62 8.75
C17 041 E . 13.83 -0.04 9.71
O21 041 E . 10.55 4.65 15.76
F22 041 E . 14.25 -1.58 7.93
O23 041 E . 16.89 -0.81 7.71
C24 041 E . 9.77 0.25 13.58
C25 041 E . 10.26 -0.98 13.32
C1 041 F . -12.01 12.73 4.02
C2 041 F . -12.24 12.00 2.81
C3 041 F . -13.35 11.12 2.75
C4 041 F . -14.24 10.93 3.86
C5 041 F . -14.00 11.65 5.07
C6 041 F . -12.88 12.55 5.15
O9 041 F . -13.80 10.32 1.74
C10 041 F . -14.92 9.66 2.18
N11 041 F . -15.20 10.01 3.46
C12 041 F . -15.67 8.70 1.33
C13 041 F . -17.06 8.43 1.59
C14 041 F . -17.80 7.52 0.77
C15 041 F . -17.14 6.88 -0.32
C16 041 F . -15.75 7.15 -0.59
C17 041 F . -15.02 8.05 0.23
O21 041 F . -12.64 13.25 6.32
F22 041 F . -15.17 6.54 -1.62
O23 041 F . -17.85 6.00 -1.12
C24 041 F . -11.34 12.16 1.63
C25 041 F . -11.73 12.25 0.34
#